data_7D0M
#
_entry.id   7D0M
#
_cell.length_a   45.057
_cell.length_b   77.507
_cell.length_c   134.500
_cell.angle_alpha   90.000
_cell.angle_beta   90.000
_cell.angle_gamma   90.000
#
_symmetry.space_group_name_H-M   'P 21 21 21'
#
loop_
_entity.id
_entity.type
_entity.pdbx_description
1 polymer Cryptochrome-1
2 non-polymer 'TETRAETHYLENE GLYCOL'
3 non-polymer DI(HYDROXYETHYL)ETHER
4 water water
#
_entity_poly.entity_id   1
_entity_poly.type   'polypeptide(L)'
_entity_poly.pdbx_seq_one_letter_code
;GTMGVNAVHWFRKGLRLHDNPALKECIQGADTIRCVYILDPWFAGSSNVGINRWRFLLQCLEDLDANLRKLNSRLFVIRG
QPADVFPRLFKEWNITKLSIEYDSEPFGKERDAAIKKLATEAGVEVIVRISHTLYDLDKIIELNGGQPPLTYKRFQTLVS
KMEPLEMPADTITSDVIGKCMTPLSDDHDEKYGVPSLEELGFDTDGLSSAVWPGGETEALTRLERHLERKAWVANFERPR
MNANSLLASPTGLSPYLRFGCLSCRLFYFKLTDLYKKVKKNSSPPLSLYGQLLWREFFYTAATNNPRFDKMEGNPICVQI
PWDKNPEALAKWAEGRTGFPWIDAIMTQLRQEGWIHHLARHAVACFLTRGDLWISWEEGMKVFEELLLDADWSINAGSWM
WLSCSSFFQQFFHCYCPVGFGRRTDPNGDYIRRYLPVLRGFPAKYIYDPWNAPEGIQKVAKCLIGVNYPKPMVNHAEASR
LNIERMKQIYQQLSRYRG
;
_entity_poly.pdbx_strand_id   A
#
loop_
_chem_comp.id
_chem_comp.type
_chem_comp.name
_chem_comp.formula
PEG non-polymer DI(HYDROXYETHYL)ETHER 'C4 H10 O3'
PG4 non-polymer 'TETRAETHYLENE GLYCOL' 'C8 H18 O5'
#
# COMPACT_ATOMS: atom_id res chain seq x y z
N GLY A 4 39.79 -1.56 -2.29
CA GLY A 4 39.39 -1.10 -0.98
C GLY A 4 38.15 -1.80 -0.46
N VAL A 5 37.47 -1.20 0.51
CA VAL A 5 36.22 -1.73 1.04
C VAL A 5 35.08 -1.20 0.16
N ASN A 6 34.55 -2.07 -0.69
CA ASN A 6 33.48 -1.71 -1.62
C ASN A 6 32.13 -2.19 -1.08
N ALA A 7 31.23 -1.24 -0.86
CA ALA A 7 29.94 -1.50 -0.24
C ALA A 7 28.81 -1.31 -1.25
N VAL A 8 27.78 -2.14 -1.12
CA VAL A 8 26.54 -1.98 -1.88
C VAL A 8 25.40 -1.92 -0.89
N HIS A 9 24.51 -0.94 -1.06
CA HIS A 9 23.23 -0.92 -0.36
C HIS A 9 22.13 -1.23 -1.37
N TRP A 10 21.28 -2.19 -1.03
CA TRP A 10 20.24 -2.70 -1.93
C TRP A 10 18.90 -2.10 -1.51
N PHE A 11 18.35 -1.23 -2.36
CA PHE A 11 17.03 -0.65 -2.13
C PHE A 11 15.94 -1.60 -2.62
N ARG A 12 14.93 -1.84 -1.77
CA ARG A 12 13.71 -2.54 -2.18
C ARG A 12 12.52 -1.71 -1.73
N LYS A 13 12.20 -1.79 -0.45
CA LYS A 13 11.45 -0.73 0.23
C LYS A 13 12.50 0.21 0.84
N GLY A 14 12.14 0.99 1.85
CA GLY A 14 13.11 1.93 2.41
C GLY A 14 13.71 2.85 1.38
N LEU A 15 12.88 3.36 0.45
CA LEU A 15 13.34 4.18 -0.67
C LEU A 15 13.52 5.63 -0.21
N ARG A 16 14.54 5.83 0.63
CA ARG A 16 14.77 7.13 1.25
C ARG A 16 16.22 7.20 1.73
N LEU A 17 16.68 8.43 1.96
CA LEU A 17 17.98 8.69 2.58
C LEU A 17 17.88 9.05 4.06
N HIS A 18 16.73 9.52 4.52
CA HIS A 18 16.53 9.73 5.95
C HIS A 18 16.20 8.40 6.64
N ASP A 19 16.55 8.32 7.92
CA ASP A 19 16.32 7.13 8.76
C ASP A 19 16.53 5.83 8.00
N ASN A 20 17.76 5.62 7.54
CA ASN A 20 18.13 4.42 6.80
C ASN A 20 19.29 3.78 7.54
N PRO A 21 19.02 3.11 8.67
CA PRO A 21 20.12 2.53 9.46
C PRO A 21 20.95 1.53 8.69
N ALA A 22 20.37 0.80 7.74
CA ALA A 22 21.14 -0.15 6.95
C ALA A 22 22.14 0.57 6.05
N LEU A 23 21.69 1.61 5.34
CA LEU A 23 22.59 2.39 4.51
C LEU A 23 23.65 3.10 5.36
N LYS A 24 23.24 3.69 6.48
CA LYS A 24 24.18 4.37 7.37
C LYS A 24 25.30 3.42 7.80
N GLU A 25 24.93 2.23 8.26
CA GLU A 25 25.94 1.28 8.72
C GLU A 25 26.85 0.83 7.58
N CYS A 26 26.28 0.63 6.40
CA CYS A 26 27.08 0.15 5.27
C CYS A 26 28.14 1.17 4.86
N ILE A 27 27.79 2.45 4.89
CA ILE A 27 28.74 3.51 4.52
C ILE A 27 29.90 3.58 5.49
N GLN A 28 29.66 3.31 6.79
CA GLN A 28 30.70 3.44 7.80
C GLN A 28 31.87 2.52 7.50
N GLY A 29 33.08 3.09 7.46
CA GLY A 29 34.27 2.32 7.20
C GLY A 29 34.45 1.86 5.77
N ALA A 30 33.65 2.39 4.84
CA ALA A 30 33.68 1.96 3.45
C ALA A 30 34.44 2.98 2.59
N ASP A 31 35.09 2.49 1.54
CA ASP A 31 35.80 3.32 0.58
C ASP A 31 34.97 3.67 -0.64
N THR A 32 34.10 2.76 -1.09
CA THR A 32 33.14 3.06 -2.14
C THR A 32 31.76 2.61 -1.69
N ILE A 33 30.74 3.29 -2.22
CA ILE A 33 29.35 2.93 -2.00
C ILE A 33 28.62 3.00 -3.33
N ARG A 34 27.80 1.98 -3.60
CA ARG A 34 26.90 1.96 -4.74
C ARG A 34 25.54 1.53 -4.25
N CYS A 35 24.54 2.38 -4.42
CA CYS A 35 23.16 2.02 -4.11
C CYS A 35 22.49 1.42 -5.34
N VAL A 36 21.88 0.25 -5.17
CA VAL A 36 21.30 -0.48 -6.29
C VAL A 36 19.81 -0.71 -6.03
N TYR A 37 19.04 -0.70 -7.12
CA TYR A 37 17.68 -1.19 -7.12
C TYR A 37 17.59 -2.20 -8.25
N ILE A 38 17.05 -3.38 -7.96
CA ILE A 38 16.97 -4.46 -8.93
C ILE A 38 15.55 -4.47 -9.48
N LEU A 39 15.39 -4.04 -10.73
CA LEU A 39 14.08 -3.87 -11.37
C LEU A 39 13.86 -4.96 -12.40
N ASP A 40 12.74 -5.65 -12.30
CA ASP A 40 12.36 -6.67 -13.28
C ASP A 40 10.91 -6.45 -13.65
N PRO A 41 10.64 -5.63 -14.66
CA PRO A 41 9.26 -5.28 -14.99
C PRO A 41 8.50 -6.39 -15.69
N TRP A 42 9.20 -7.37 -16.25
CA TRP A 42 8.57 -8.48 -16.96
C TRP A 42 8.51 -9.74 -16.11
N PHE A 43 8.96 -9.69 -14.86
CA PHE A 43 8.93 -10.86 -13.99
C PHE A 43 7.50 -11.39 -13.88
N ALA A 44 7.37 -12.72 -13.92
CA ALA A 44 6.05 -13.32 -13.86
C ALA A 44 5.35 -13.01 -12.54
N GLY A 45 6.12 -12.94 -11.44
CA GLY A 45 5.55 -12.60 -10.16
C GLY A 45 5.07 -11.17 -10.05
N SER A 46 5.51 -10.30 -10.95
CA SER A 46 5.09 -8.90 -10.99
C SER A 46 4.16 -8.61 -12.16
N SER A 47 3.57 -9.64 -12.76
CA SER A 47 2.64 -9.43 -13.87
C SER A 47 1.34 -8.75 -13.45
N ASN A 48 1.06 -8.68 -12.16
CA ASN A 48 -0.16 -8.05 -11.65
C ASN A 48 0.10 -6.62 -11.15
N VAL A 49 1.20 -6.01 -11.56
CA VAL A 49 1.52 -4.63 -11.19
C VAL A 49 0.97 -3.70 -12.25
N GLY A 50 0.11 -2.74 -11.83
CA GLY A 50 -0.49 -1.79 -12.76
C GLY A 50 0.39 -0.56 -13.02
N ILE A 51 -0.04 0.26 -13.99
CA ILE A 51 0.82 1.32 -14.51
C ILE A 51 1.07 2.40 -13.47
N ASN A 52 0.05 2.74 -12.65
CA ASN A 52 0.27 3.75 -11.63
C ASN A 52 1.28 3.30 -10.59
N ARG A 53 1.29 2.01 -10.26
CA ARG A 53 2.30 1.49 -9.34
C ARG A 53 3.70 1.55 -9.95
N TRP A 54 3.82 1.21 -11.24
CA TRP A 54 5.09 1.35 -11.92
C TRP A 54 5.54 2.81 -11.92
N ARG A 55 4.63 3.72 -12.28
CA ARG A 55 4.99 5.14 -12.32
C ARG A 55 5.42 5.66 -10.95
N PHE A 56 4.70 5.26 -9.89
CA PHE A 56 5.08 5.68 -8.56
C PHE A 56 6.47 5.16 -8.20
N LEU A 57 6.73 3.88 -8.50
CA LEU A 57 8.05 3.31 -8.23
C LEU A 57 9.14 4.07 -8.98
N LEU A 58 8.94 4.27 -10.29
CA LEU A 58 9.94 4.96 -11.09
C LEU A 58 10.20 6.37 -10.57
N GLN A 59 9.15 7.05 -10.10
CA GLN A 59 9.34 8.39 -9.57
C GLN A 59 10.06 8.36 -8.21
N CYS A 60 9.84 7.33 -7.39
CA CYS A 60 10.69 7.14 -6.21
C CYS A 60 12.15 6.97 -6.61
N LEU A 61 12.41 6.19 -7.65
CA LEU A 61 13.77 5.92 -8.08
C LEU A 61 14.43 7.18 -8.66
N GLU A 62 13.67 7.97 -9.43
CA GLU A 62 14.21 9.23 -9.93
C GLU A 62 14.52 10.19 -8.78
N ASP A 63 13.67 10.20 -7.76
CA ASP A 63 13.93 11.03 -6.58
C ASP A 63 15.21 10.59 -5.89
N LEU A 64 15.34 9.28 -5.64
CA LEU A 64 16.55 8.75 -5.02
C LEU A 64 17.79 9.10 -5.83
N ASP A 65 17.71 8.94 -7.16
CA ASP A 65 18.86 9.26 -8.01
C ASP A 65 19.22 10.73 -7.93
N ALA A 66 18.21 11.61 -7.94
CA ALA A 66 18.47 13.04 -7.85
C ALA A 66 19.12 13.41 -6.52
N ASN A 67 18.61 12.87 -5.41
CA ASN A 67 19.21 13.16 -4.11
C ASN A 67 20.60 12.54 -3.97
N LEU A 68 20.84 11.37 -4.59
CA LEU A 68 22.18 10.81 -4.58
C LEU A 68 23.15 11.64 -5.41
N ARG A 69 22.66 12.26 -6.49
CA ARG A 69 23.48 13.20 -7.26
C ARG A 69 24.06 14.30 -6.37
N LYS A 70 23.22 14.88 -5.51
CA LYS A 70 23.66 15.92 -4.59
C LYS A 70 24.79 15.45 -3.69
N LEU A 71 24.91 14.14 -3.47
CA LEU A 71 25.96 13.55 -2.64
C LEU A 71 27.10 12.99 -3.49
N ASN A 72 27.19 13.37 -4.76
CA ASN A 72 28.23 12.92 -5.67
C ASN A 72 28.13 11.42 -5.94
N SER A 73 26.91 10.91 -6.03
CA SER A 73 26.70 9.50 -6.30
C SER A 73 25.54 9.40 -7.31
N ARG A 74 25.12 8.17 -7.60
CA ARG A 74 23.99 7.91 -8.50
C ARG A 74 23.31 6.64 -8.02
N LEU A 75 22.02 6.51 -8.34
CA LEU A 75 21.34 5.24 -8.18
C LEU A 75 21.76 4.33 -9.33
N PHE A 76 22.01 3.05 -9.02
CA PHE A 76 22.31 2.04 -10.02
C PHE A 76 21.07 1.14 -10.14
N VAL A 77 20.40 1.19 -11.28
CA VAL A 77 19.24 0.34 -11.53
C VAL A 77 19.69 -0.87 -12.35
N ILE A 78 19.55 -2.06 -11.77
CA ILE A 78 19.97 -3.31 -12.39
C ILE A 78 18.72 -4.08 -12.77
N ARG A 79 18.70 -4.62 -13.99
CA ARG A 79 17.56 -5.40 -14.46
C ARG A 79 17.81 -6.89 -14.23
N GLY A 80 16.77 -7.59 -13.78
CA GLY A 80 16.83 -9.02 -13.59
C GLY A 80 16.36 -9.41 -12.21
N GLN A 81 16.72 -10.60 -11.80
CA GLN A 81 16.40 -11.13 -10.49
C GLN A 81 17.64 -11.09 -9.60
N PRO A 82 17.44 -10.83 -8.30
CA PRO A 82 18.59 -10.69 -7.40
C PRO A 82 19.53 -11.89 -7.41
N ALA A 83 19.00 -13.11 -7.48
CA ALA A 83 19.85 -14.29 -7.44
C ALA A 83 20.73 -14.38 -8.69
N ASP A 84 20.25 -13.84 -9.82
CA ASP A 84 21.02 -13.80 -11.05
C ASP A 84 22.07 -12.70 -11.03
N VAL A 85 21.70 -11.50 -10.60
CA VAL A 85 22.56 -10.33 -10.80
C VAL A 85 23.61 -10.15 -9.71
N PHE A 86 23.33 -10.57 -8.48
CA PHE A 86 24.25 -10.26 -7.40
C PHE A 86 25.58 -11.02 -7.49
N PRO A 87 25.60 -12.31 -7.86
CA PRO A 87 26.90 -12.95 -8.14
C PRO A 87 27.75 -12.16 -9.13
N ARG A 88 27.17 -11.67 -10.22
CA ARG A 88 27.94 -10.89 -11.19
C ARG A 88 28.43 -9.59 -10.57
N LEU A 89 27.58 -8.90 -9.82
CA LEU A 89 27.97 -7.62 -9.22
C LEU A 89 29.08 -7.80 -8.20
N PHE A 90 29.02 -8.87 -7.40
CA PHE A 90 30.08 -9.11 -6.42
C PHE A 90 31.45 -9.18 -7.09
N LYS A 91 31.52 -9.87 -8.23
CA LYS A 91 32.80 -10.02 -8.92
C LYS A 91 33.19 -8.75 -9.66
N GLU A 92 32.24 -8.13 -10.37
CA GLU A 92 32.58 -6.99 -11.21
C GLU A 92 33.00 -5.78 -10.39
N TRP A 93 32.44 -5.62 -9.19
CA TRP A 93 32.72 -4.46 -8.35
C TRP A 93 33.58 -4.77 -7.15
N ASN A 94 33.99 -6.04 -6.97
CA ASN A 94 34.80 -6.44 -5.82
C ASN A 94 34.12 -6.05 -4.49
N ILE A 95 32.85 -6.43 -4.37
CA ILE A 95 32.04 -6.04 -3.22
C ILE A 95 32.43 -6.84 -1.98
N THR A 96 32.52 -6.14 -0.85
CA THR A 96 32.75 -6.80 0.43
C THR A 96 31.67 -6.52 1.48
N LYS A 97 30.73 -5.60 1.23
CA LYS A 97 29.65 -5.33 2.15
C LYS A 97 28.35 -5.14 1.37
N LEU A 98 27.27 -5.73 1.89
CA LEU A 98 25.94 -5.61 1.28
C LEU A 98 24.93 -5.33 2.38
N SER A 99 24.17 -4.25 2.25
CA SER A 99 23.19 -3.88 3.27
C SER A 99 21.77 -3.90 2.69
N ILE A 100 20.82 -4.31 3.53
CA ILE A 100 19.40 -4.28 3.20
C ILE A 100 18.60 -3.87 4.41
N GLU A 101 17.49 -3.19 4.15
CA GLU A 101 16.46 -3.05 5.16
C GLU A 101 15.73 -4.38 5.29
N TYR A 102 15.49 -4.80 6.53
CA TYR A 102 14.81 -6.08 6.77
C TYR A 102 13.43 -6.11 6.12
N ASP A 103 13.06 -7.27 5.58
CA ASP A 103 11.73 -7.52 4.99
C ASP A 103 11.06 -8.64 5.79
N SER A 104 9.99 -8.30 6.51
CA SER A 104 9.27 -9.26 7.35
C SER A 104 8.39 -10.21 6.54
N GLU A 105 8.11 -9.92 5.28
CA GLU A 105 7.15 -10.71 4.55
C GLU A 105 7.74 -12.07 4.18
N PRO A 106 6.93 -13.14 4.25
CA PRO A 106 7.47 -14.50 4.05
C PRO A 106 8.29 -14.68 2.80
N PHE A 107 7.78 -14.25 1.64
CA PHE A 107 8.54 -14.40 0.40
C PHE A 107 9.84 -13.61 0.46
N GLY A 108 9.81 -12.42 1.08
CA GLY A 108 11.03 -11.62 1.19
C GLY A 108 12.05 -12.25 2.11
N LYS A 109 11.61 -12.90 3.19
CA LYS A 109 12.53 -13.62 4.05
C LYS A 109 13.22 -14.76 3.30
N GLU A 110 12.49 -15.46 2.43
CA GLU A 110 13.11 -16.54 1.67
C GLU A 110 14.11 -15.99 0.66
N ARG A 111 13.73 -14.95 -0.08
CA ARG A 111 14.64 -14.30 -1.01
C ARG A 111 15.91 -13.84 -0.31
N ASP A 112 15.77 -13.13 0.80
CA ASP A 112 16.93 -12.53 1.44
C ASP A 112 17.84 -13.60 2.04
N ALA A 113 17.28 -14.72 2.49
CA ALA A 113 18.12 -15.81 2.98
C ALA A 113 18.96 -16.39 1.85
N ALA A 114 18.42 -16.41 0.62
CA ALA A 114 19.18 -16.92 -0.52
C ALA A 114 20.30 -15.97 -0.91
N ILE A 115 20.04 -14.66 -0.91
CA ILE A 115 21.07 -13.69 -1.23
C ILE A 115 22.15 -13.68 -0.15
N LYS A 116 21.75 -13.82 1.12
CA LYS A 116 22.73 -13.86 2.19
C LYS A 116 23.69 -15.04 2.03
N LYS A 117 23.18 -16.18 1.56
CA LYS A 117 24.04 -17.33 1.29
C LYS A 117 24.99 -17.06 0.13
N LEU A 118 24.49 -16.43 -0.94
CA LEU A 118 25.36 -16.06 -2.06
C LEU A 118 26.43 -15.08 -1.61
N ALA A 119 26.07 -14.14 -0.73
CA ALA A 119 27.06 -13.18 -0.24
C ALA A 119 28.14 -13.86 0.59
N THR A 120 27.74 -14.81 1.43
CA THR A 120 28.72 -15.57 2.22
C THR A 120 29.66 -16.37 1.33
N GLU A 121 29.12 -16.98 0.27
CA GLU A 121 29.95 -17.74 -0.65
C GLU A 121 31.00 -16.86 -1.31
N ALA A 122 30.72 -15.57 -1.47
CA ALA A 122 31.62 -14.65 -2.16
C ALA A 122 32.42 -13.79 -1.20
N GLY A 123 32.43 -14.11 0.09
CA GLY A 123 33.15 -13.29 1.06
C GLY A 123 32.59 -11.90 1.28
N VAL A 124 31.27 -11.76 1.36
CA VAL A 124 30.62 -10.46 1.49
C VAL A 124 29.88 -10.40 2.82
N GLU A 125 30.14 -9.36 3.61
CA GLU A 125 29.39 -9.13 4.83
C GLU A 125 28.01 -8.57 4.50
N VAL A 126 26.99 -9.11 5.16
CA VAL A 126 25.61 -8.67 4.99
C VAL A 126 25.20 -7.89 6.24
N ILE A 127 24.67 -6.69 6.03
CA ILE A 127 24.14 -5.84 7.10
C ILE A 127 22.63 -5.78 6.92
N VAL A 128 21.88 -6.21 7.94
CA VAL A 128 20.42 -6.18 7.92
C VAL A 128 19.95 -5.36 9.10
N ARG A 129 19.07 -4.39 8.83
CA ARG A 129 18.55 -3.54 9.89
C ARG A 129 17.04 -3.36 9.71
N ILE A 130 16.32 -3.41 10.83
CA ILE A 130 14.87 -3.21 10.81
C ILE A 130 14.56 -1.73 10.76
N SER A 131 13.85 -1.30 9.71
CA SER A 131 13.31 0.06 9.70
C SER A 131 12.06 0.23 8.82
N HIS A 132 11.53 -0.83 8.21
CA HIS A 132 10.23 -0.71 7.53
C HIS A 132 9.06 -0.65 8.51
N THR A 133 9.23 -1.25 9.68
CA THR A 133 8.27 -1.28 10.77
C THR A 133 8.88 -0.59 11.99
N LEU A 134 8.01 -0.25 12.94
CA LEU A 134 8.47 0.36 14.18
C LEU A 134 9.22 -0.64 15.05
N TYR A 135 8.77 -1.89 15.07
CA TYR A 135 9.28 -2.89 16.00
C TYR A 135 9.85 -4.09 15.26
N ASP A 136 10.71 -4.81 15.99
CA ASP A 136 11.08 -6.17 15.63
C ASP A 136 9.84 -7.02 15.81
N LEU A 137 9.18 -7.37 14.71
CA LEU A 137 7.89 -8.06 14.79
C LEU A 137 8.02 -9.39 15.51
N ASP A 138 9.16 -10.05 15.39
CA ASP A 138 9.38 -11.32 16.09
C ASP A 138 9.33 -11.14 17.60
N LYS A 139 9.77 -9.99 18.11
CA LYS A 139 9.68 -9.75 19.55
C LYS A 139 8.25 -9.56 20.01
N ILE A 140 7.43 -8.85 19.22
CA ILE A 140 6.01 -8.73 19.56
C ILE A 140 5.36 -10.10 19.62
N ILE A 141 5.69 -10.96 18.65
CA ILE A 141 5.11 -12.30 18.62
C ILE A 141 5.56 -13.11 19.83
N GLU A 142 6.83 -13.01 20.21
CA GLU A 142 7.30 -13.72 21.40
C GLU A 142 6.62 -13.19 22.66
N LEU A 143 6.40 -11.88 22.75
CA LEU A 143 5.68 -11.31 23.88
C LEU A 143 4.27 -11.89 24.00
N ASN A 144 3.65 -12.24 22.88
CA ASN A 144 2.30 -12.79 22.90
C ASN A 144 2.27 -14.29 23.12
N GLY A 145 3.44 -14.95 23.19
CA GLY A 145 3.50 -16.37 23.45
C GLY A 145 3.81 -17.25 22.26
N GLY A 146 4.18 -16.68 21.12
CA GLY A 146 4.58 -17.44 19.95
C GLY A 146 3.69 -17.26 18.73
N GLN A 147 2.47 -16.75 18.91
CA GLN A 147 1.59 -16.48 17.78
C GLN A 147 1.21 -15.00 17.77
N PRO A 148 1.00 -14.42 16.59
CA PRO A 148 0.63 -13.01 16.52
C PRO A 148 -0.76 -12.79 17.07
N PRO A 149 -1.06 -11.60 17.59
CA PRO A 149 -2.42 -11.31 18.04
C PRO A 149 -3.33 -11.09 16.84
N LEU A 150 -4.61 -11.45 17.00
CA LEU A 150 -5.60 -11.29 15.94
C LEU A 150 -6.64 -10.21 16.28
N THR A 151 -6.47 -9.48 17.38
CA THR A 151 -7.31 -8.34 17.69
C THR A 151 -6.42 -7.12 17.92
N TYR A 152 -6.90 -5.96 17.48
CA TYR A 152 -6.12 -4.74 17.61
C TYR A 152 -5.93 -4.34 19.06
N LYS A 153 -6.94 -4.57 19.91
CA LYS A 153 -6.80 -4.26 21.33
C LYS A 153 -5.66 -5.05 21.97
N ARG A 154 -5.55 -6.34 21.64
CA ARG A 154 -4.45 -7.15 22.19
C ARG A 154 -3.11 -6.65 21.69
N PHE A 155 -3.02 -6.35 20.38
CA PHE A 155 -1.81 -5.81 19.79
C PHE A 155 -1.39 -4.52 20.50
N GLN A 156 -2.36 -3.67 20.83
CA GLN A 156 -2.06 -2.43 21.54
C GLN A 156 -1.42 -2.71 22.90
N THR A 157 -1.98 -3.67 23.64
CA THR A 157 -1.42 -4.10 24.92
C THR A 157 0.04 -4.52 24.77
N LEU A 158 0.33 -5.31 23.73
CA LEU A 158 1.70 -5.79 23.52
C LEU A 158 2.63 -4.64 23.20
N VAL A 159 2.20 -3.73 22.33
CA VAL A 159 3.04 -2.60 21.90
C VAL A 159 3.46 -1.76 23.10
N SER A 160 2.52 -1.50 24.01
CA SER A 160 2.82 -0.67 25.18
C SER A 160 3.86 -1.30 26.09
N LYS A 161 4.06 -2.62 25.99
CA LYS A 161 5.05 -3.31 26.80
C LYS A 161 6.43 -3.36 26.17
N MET A 162 6.56 -2.96 24.90
CA MET A 162 7.86 -2.91 24.24
C MET A 162 8.71 -1.78 24.80
N GLU A 163 10.02 -1.93 24.65
CA GLU A 163 10.94 -0.86 25.05
C GLU A 163 10.72 0.36 24.15
N PRO A 164 11.07 1.56 24.64
CA PRO A 164 10.87 2.77 23.82
C PRO A 164 11.64 2.68 22.51
N LEU A 165 11.11 3.35 21.50
CA LEU A 165 11.74 3.34 20.18
C LEU A 165 13.13 3.97 20.23
N GLU A 166 14.07 3.39 19.51
CA GLU A 166 15.38 4.02 19.34
C GLU A 166 15.27 5.23 18.42
N MET A 167 16.24 6.13 18.53
CA MET A 167 16.21 7.35 17.75
C MET A 167 16.45 7.04 16.28
N PRO A 168 15.82 7.79 15.37
CA PRO A 168 16.03 7.54 13.94
C PRO A 168 17.50 7.69 13.58
N ALA A 169 17.92 6.97 12.55
CA ALA A 169 19.29 7.09 12.08
C ALA A 169 19.49 8.45 11.40
N ASP A 170 20.72 8.98 11.51
CA ASP A 170 21.03 10.25 10.86
C ASP A 170 20.82 10.15 9.37
N THR A 171 20.36 11.25 8.78
CA THR A 171 20.19 11.32 7.34
C THR A 171 21.56 11.21 6.66
N ILE A 172 21.61 10.48 5.55
CA ILE A 172 22.85 10.35 4.79
C ILE A 172 23.10 11.70 4.11
N THR A 173 24.08 12.44 4.61
CA THR A 173 24.53 13.70 4.04
C THR A 173 25.93 13.53 3.48
N SER A 174 26.45 14.59 2.85
CA SER A 174 27.81 14.56 2.36
C SER A 174 28.80 14.35 3.49
N ASP A 175 28.55 14.96 4.65
CA ASP A 175 29.43 14.80 5.80
C ASP A 175 29.43 13.37 6.31
N VAL A 176 28.27 12.70 6.28
CA VAL A 176 28.21 11.30 6.68
C VAL A 176 28.96 10.43 5.68
N ILE A 177 28.74 10.65 4.38
CA ILE A 177 29.44 9.89 3.35
C ILE A 177 30.94 10.05 3.50
N GLY A 178 31.40 11.27 3.71
CA GLY A 178 32.81 11.51 4.02
C GLY A 178 33.73 11.05 2.91
N LYS A 179 34.70 10.20 3.26
CA LYS A 179 35.69 9.73 2.31
C LYS A 179 35.12 8.72 1.32
N CYS A 180 34.02 8.07 1.69
CA CYS A 180 33.40 7.12 0.79
C CYS A 180 33.00 7.83 -0.50
N MET A 181 33.31 7.22 -1.64
CA MET A 181 32.95 7.82 -2.91
C MET A 181 32.19 6.80 -3.73
N THR A 182 31.72 7.23 -4.90
CA THR A 182 31.03 6.33 -5.83
C THR A 182 31.72 6.37 -7.19
N PRO A 183 32.34 5.27 -7.63
CA PRO A 183 32.90 5.25 -9.00
C PRO A 183 31.78 5.36 -10.02
N LEU A 184 31.97 6.25 -10.99
CA LEU A 184 30.95 6.52 -11.99
C LEU A 184 31.56 6.49 -13.39
N SER A 185 30.72 6.14 -14.35
CA SER A 185 31.11 6.04 -15.75
C SER A 185 30.38 7.11 -16.56
N ASP A 186 30.98 7.48 -17.70
CA ASP A 186 30.33 8.48 -18.54
C ASP A 186 29.05 7.95 -19.14
N ASP A 187 28.90 6.64 -19.26
CA ASP A 187 27.71 6.03 -19.82
C ASP A 187 26.76 5.51 -18.74
N HIS A 188 26.68 6.18 -17.60
CA HIS A 188 25.90 5.66 -16.49
C HIS A 188 24.42 5.56 -16.82
N ASP A 189 23.86 6.63 -17.40
CA ASP A 189 22.43 6.62 -17.72
C ASP A 189 22.09 5.50 -18.69
N GLU A 190 22.96 5.25 -19.66
CA GLU A 190 22.70 4.20 -20.65
C GLU A 190 22.77 2.80 -20.03
N LYS A 191 23.63 2.59 -19.03
CA LYS A 191 23.81 1.27 -18.45
C LYS A 191 23.04 1.07 -17.15
N TYR A 192 22.85 2.13 -16.35
CA TYR A 192 22.28 1.99 -15.02
C TYR A 192 21.14 2.98 -14.75
N GLY A 193 20.66 3.69 -15.76
CA GLY A 193 19.70 4.75 -15.53
C GLY A 193 18.32 4.23 -15.16
N VAL A 194 17.52 5.13 -14.60
CA VAL A 194 16.13 4.79 -14.25
C VAL A 194 15.30 4.73 -15.52
N PRO A 195 14.63 3.61 -15.80
CA PRO A 195 13.83 3.54 -17.04
C PRO A 195 12.57 4.39 -16.96
N SER A 196 12.06 4.70 -18.15
CA SER A 196 10.77 5.36 -18.29
C SER A 196 9.65 4.33 -18.44
N LEU A 197 8.41 4.79 -18.26
CA LEU A 197 7.26 3.94 -18.52
C LEU A 197 7.31 3.34 -19.92
N GLU A 198 7.71 4.14 -20.91
CA GLU A 198 7.80 3.63 -22.28
C GLU A 198 8.85 2.55 -22.42
N GLU A 199 9.95 2.63 -21.65
CA GLU A 199 10.96 1.59 -21.68
C GLU A 199 10.47 0.31 -21.00
N LEU A 200 9.44 0.40 -20.18
CA LEU A 200 8.76 -0.78 -19.66
C LEU A 200 7.72 -1.32 -20.63
N GLY A 201 7.50 -0.64 -21.75
CA GLY A 201 6.53 -1.06 -22.76
C GLY A 201 5.18 -0.36 -22.73
N PHE A 202 5.00 0.65 -21.87
CA PHE A 202 3.70 1.31 -21.71
C PHE A 202 3.57 2.54 -22.61
N ASP A 203 2.41 2.65 -23.29
CA ASP A 203 2.01 3.93 -23.87
C ASP A 203 1.74 4.94 -22.77
N THR A 204 2.16 6.19 -23.01
CA THR A 204 1.86 7.29 -22.11
C THR A 204 1.11 8.43 -22.78
N ASP A 205 0.71 8.28 -24.04
CA ASP A 205 0.03 9.36 -24.75
C ASP A 205 -1.31 9.67 -24.10
N GLY A 206 -1.53 10.94 -23.79
CA GLY A 206 -2.74 11.36 -23.11
C GLY A 206 -2.81 11.05 -21.63
N LEU A 207 -1.79 10.41 -21.06
CA LEU A 207 -1.79 10.08 -19.64
C LEU A 207 -1.62 11.34 -18.79
N SER A 208 -2.53 11.55 -17.84
CA SER A 208 -2.46 12.73 -16.99
C SER A 208 -1.36 12.58 -15.95
N SER A 209 -0.88 13.73 -15.46
CA SER A 209 0.12 13.74 -14.39
C SER A 209 -0.37 12.97 -13.17
N ALA A 210 0.58 12.38 -12.45
CA ALA A 210 0.25 11.56 -11.28
C ALA A 210 -0.39 12.41 -10.19
N VAL A 211 -1.50 11.92 -9.66
CA VAL A 211 -2.12 12.56 -8.50
C VAL A 211 -1.30 12.31 -7.24
N TRP A 212 -0.49 11.25 -7.24
CA TRP A 212 0.32 10.84 -6.09
C TRP A 212 1.78 10.73 -6.53
N PRO A 213 2.52 11.85 -6.59
CA PRO A 213 3.89 11.76 -7.12
C PRO A 213 4.79 10.95 -6.17
N GLY A 214 5.64 10.11 -6.76
CA GLY A 214 6.50 9.26 -5.95
C GLY A 214 7.66 10.01 -5.32
N GLY A 215 8.23 9.40 -4.28
CA GLY A 215 9.50 9.86 -3.76
C GLY A 215 9.58 10.38 -2.34
N GLU A 216 10.81 10.33 -1.79
CA GLU A 216 11.10 10.86 -0.46
C GLU A 216 10.80 12.35 -0.34
N THR A 217 11.24 13.13 -1.34
CA THR A 217 11.05 14.58 -1.27
C THR A 217 9.58 14.93 -1.10
N GLU A 218 8.73 14.32 -1.94
CA GLU A 218 7.29 14.48 -1.79
C GLU A 218 6.80 13.98 -0.43
N ALA A 219 7.32 12.84 0.03
CA ALA A 219 6.86 12.27 1.30
C ALA A 219 7.12 13.23 2.45
N LEU A 220 8.28 13.89 2.45
CA LEU A 220 8.66 14.75 3.57
C LEU A 220 7.86 16.04 3.58
N THR A 221 7.50 16.55 2.41
CA THR A 221 6.61 17.70 2.34
C THR A 221 5.22 17.35 2.87
N ARG A 222 4.69 16.20 2.45
CA ARG A 222 3.37 15.76 2.91
C ARG A 222 3.34 15.53 4.41
N LEU A 223 4.45 15.03 4.98
CA LEU A 223 4.52 14.85 6.43
C LEU A 223 4.22 16.15 7.16
N GLU A 224 4.77 17.27 6.69
CA GLU A 224 4.52 18.55 7.34
C GLU A 224 3.05 18.97 7.19
N ARG A 225 2.48 18.79 6.00
CA ARG A 225 1.07 19.11 5.79
C ARG A 225 0.18 18.27 6.69
N HIS A 226 0.49 16.97 6.78
CA HIS A 226 -0.24 16.06 7.66
C HIS A 226 -0.24 16.53 9.10
N LEU A 227 0.94 16.92 9.60
CA LEU A 227 1.07 17.35 10.98
C LEU A 227 0.32 18.66 11.23
N GLU A 228 0.40 19.60 10.29
CA GLU A 228 -0.30 20.87 10.46
C GLU A 228 -1.81 20.68 10.53
N ARG A 229 -2.35 19.74 9.75
CA ARG A 229 -3.80 19.53 9.77
C ARG A 229 -4.26 19.09 11.17
N LYS A 230 -3.50 18.19 11.80
CA LYS A 230 -3.83 17.78 13.15
C LYS A 230 -3.60 18.91 14.16
N ALA A 231 -2.60 19.76 13.91
CA ALA A 231 -2.39 20.89 14.79
C ALA A 231 -3.52 21.92 14.67
N TRP A 232 -3.99 22.16 13.44
CA TRP A 232 -5.09 23.10 13.23
C TRP A 232 -6.30 22.76 14.09
N VAL A 233 -6.59 21.47 14.27
CA VAL A 233 -7.75 21.03 15.02
C VAL A 233 -7.41 20.55 16.42
N ALA A 234 -6.13 20.53 16.80
CA ALA A 234 -5.70 20.05 18.11
C ALA A 234 -6.33 18.69 18.41
N ASN A 235 -6.37 17.84 17.39
CA ASN A 235 -6.98 16.52 17.46
C ASN A 235 -6.14 15.57 16.63
N PHE A 236 -5.70 14.50 17.24
CA PHE A 236 -4.82 13.55 16.56
C PHE A 236 -5.56 12.29 16.14
N GLU A 237 -6.87 12.24 16.36
CA GLU A 237 -7.69 11.15 15.87
C GLU A 237 -7.98 11.35 14.40
N ARG A 238 -8.25 10.26 13.73
CA ARG A 238 -8.70 10.32 12.35
C ARG A 238 -10.05 11.03 12.20
N PRO A 239 -10.21 11.89 11.20
CA PRO A 239 -11.41 12.74 11.13
C PRO A 239 -12.60 12.02 10.51
N ARG A 240 -13.78 12.60 10.77
CA ARG A 240 -15.00 12.14 10.13
C ARG A 240 -14.89 12.30 8.62
N MET A 241 -15.36 11.31 7.88
CA MET A 241 -15.35 11.40 6.42
C MET A 241 -16.52 12.24 5.92
N ASN A 242 -16.23 13.19 5.02
CA ASN A 242 -17.23 13.89 4.22
C ASN A 242 -16.88 13.72 2.75
N ALA A 243 -17.60 14.42 1.87
CA ALA A 243 -17.38 14.23 0.45
C ALA A 243 -15.98 14.68 0.02
N ASN A 244 -15.44 15.72 0.67
CA ASN A 244 -14.09 16.15 0.32
C ASN A 244 -13.05 15.11 0.73
N SER A 245 -13.33 14.31 1.75
CA SER A 245 -12.39 13.28 2.18
C SER A 245 -12.16 12.23 1.09
N LEU A 246 -13.12 12.04 0.18
CA LEU A 246 -12.96 11.10 -0.91
C LEU A 246 -11.84 11.51 -1.87
N LEU A 247 -11.50 12.79 -1.92
CA LEU A 247 -10.49 13.27 -2.85
C LEU A 247 -9.09 13.04 -2.29
N ALA A 248 -8.14 12.81 -3.19
CA ALA A 248 -6.74 12.68 -2.78
C ALA A 248 -6.30 13.93 -2.05
N SER A 249 -5.62 13.74 -0.89
CA SER A 249 -5.25 14.88 -0.06
C SER A 249 -3.75 15.15 -0.10
N PRO A 250 -3.33 16.41 -0.04
CA PRO A 250 -1.89 16.70 0.12
C PRO A 250 -1.33 16.29 1.47
N THR A 251 -2.18 15.83 2.40
CA THR A 251 -1.72 15.28 3.67
C THR A 251 -1.58 13.76 3.64
N GLY A 252 -1.90 13.12 2.52
CA GLY A 252 -1.93 11.67 2.47
C GLY A 252 -0.54 11.07 2.49
N LEU A 253 -0.32 10.11 3.39
CA LEU A 253 0.99 9.51 3.59
C LEU A 253 1.03 8.03 3.24
N SER A 254 -0.11 7.38 3.01
CA SER A 254 -0.13 5.92 2.96
C SER A 254 0.73 5.32 1.85
N PRO A 255 0.75 5.85 0.61
CA PRO A 255 1.66 5.24 -0.39
C PRO A 255 3.13 5.43 -0.03
N TYR A 256 3.46 6.55 0.63
CA TYR A 256 4.85 6.82 0.98
C TYR A 256 5.34 5.92 2.10
N LEU A 257 4.47 5.58 3.05
CA LEU A 257 4.82 4.59 4.06
C LEU A 257 5.00 3.21 3.44
N ARG A 258 4.20 2.89 2.42
CA ARG A 258 4.28 1.56 1.82
C ARG A 258 5.60 1.36 1.07
N PHE A 259 6.06 2.38 0.36
CA PHE A 259 7.30 2.26 -0.40
C PHE A 259 8.54 2.62 0.41
N GLY A 260 8.38 3.12 1.63
CA GLY A 260 9.52 3.52 2.42
C GLY A 260 10.02 4.92 2.13
N CYS A 261 9.31 5.68 1.29
CA CYS A 261 9.66 7.08 1.06
C CYS A 261 9.64 7.88 2.34
N LEU A 262 8.77 7.51 3.28
CA LEU A 262 8.65 8.13 4.59
C LEU A 262 8.93 7.07 5.65
N SER A 263 9.86 7.36 6.54
CA SER A 263 10.16 6.47 7.66
C SER A 263 8.99 6.41 8.63
N CYS A 264 8.55 5.20 8.99
CA CYS A 264 7.48 5.10 10.00
C CYS A 264 7.98 5.60 11.35
N ARG A 265 9.28 5.47 11.61
CA ARG A 265 9.82 5.93 12.89
C ARG A 265 9.89 7.45 12.94
N LEU A 266 10.29 8.09 11.84
CA LEU A 266 10.25 9.55 11.79
C LEU A 266 8.82 10.05 12.00
N PHE A 267 7.85 9.41 11.34
CA PHE A 267 6.44 9.76 11.52
C PHE A 267 6.06 9.66 12.99
N TYR A 268 6.49 8.57 13.64
CA TYR A 268 6.20 8.34 15.07
C TYR A 268 6.76 9.47 15.95
N PHE A 269 8.03 9.86 15.75
CA PHE A 269 8.60 10.89 16.61
C PHE A 269 8.03 12.27 16.32
N LYS A 270 7.75 12.56 15.05
CA LYS A 270 7.10 13.82 14.70
C LYS A 270 5.72 13.94 15.34
N LEU A 271 4.94 12.86 15.29
CA LEU A 271 3.66 12.83 15.99
C LEU A 271 3.86 13.06 17.48
N THR A 272 4.83 12.36 18.08
CA THR A 272 5.07 12.47 19.52
C THR A 272 5.39 13.89 19.93
N ASP A 273 6.34 14.52 19.23
CA ASP A 273 6.75 15.87 19.60
C ASP A 273 5.60 16.86 19.41
N LEU A 274 4.81 16.69 18.35
CA LEU A 274 3.66 17.58 18.13
C LEU A 274 2.59 17.39 19.21
N TYR A 275 2.35 16.15 19.62
CA TYR A 275 1.37 15.92 20.67
C TYR A 275 1.82 16.57 21.97
N LYS A 276 3.11 16.45 22.30
CA LYS A 276 3.62 17.01 23.54
C LYS A 276 3.47 18.53 23.56
N LYS A 277 3.73 19.16 22.41
CA LYS A 277 3.61 20.61 22.29
C LYS A 277 2.15 21.07 22.35
N VAL A 278 1.24 20.36 21.65
CA VAL A 278 -0.16 20.79 21.59
C VAL A 278 -0.90 20.44 22.87
N LYS A 279 -0.72 19.21 23.36
CA LYS A 279 -1.44 18.71 24.52
C LYS A 279 -0.73 18.98 25.85
N LYS A 280 0.52 19.44 25.81
CA LYS A 280 1.30 19.71 27.02
C LYS A 280 1.40 18.47 27.91
N ASN A 281 1.66 17.32 27.30
CA ASN A 281 1.71 16.07 28.04
C ASN A 281 2.82 15.21 27.48
N SER A 282 3.69 14.72 28.36
CA SER A 282 4.80 13.88 27.93
C SER A 282 4.38 12.45 27.64
N SER A 283 3.18 12.04 28.05
CA SER A 283 2.70 10.67 27.90
C SER A 283 1.54 10.64 26.92
N PRO A 284 1.76 10.25 25.66
CA PRO A 284 0.67 10.25 24.68
C PRO A 284 -0.12 8.95 24.72
N PRO A 285 -1.39 8.99 24.31
CA PRO A 285 -2.14 7.74 24.16
C PRO A 285 -1.70 7.00 22.91
N LEU A 286 -1.86 5.66 22.93
CA LEU A 286 -1.50 4.88 21.75
C LEU A 286 -2.36 5.25 20.55
N SER A 287 -3.52 5.86 20.77
CA SER A 287 -4.35 6.30 19.65
C SER A 287 -3.62 7.30 18.76
N LEU A 288 -2.66 8.04 19.33
CA LEU A 288 -1.87 8.97 18.54
C LEU A 288 -1.21 8.28 17.35
N TYR A 289 -0.82 7.01 17.52
CA TYR A 289 -0.10 6.23 16.52
C TYR A 289 -1.01 5.30 15.73
N GLY A 290 -2.32 5.57 15.72
CA GLY A 290 -3.28 4.64 15.14
C GLY A 290 -2.92 4.17 13.74
N GLN A 291 -2.64 5.12 12.84
CA GLN A 291 -2.32 4.74 11.47
C GLN A 291 -1.12 3.79 11.42
N LEU A 292 -0.08 4.09 12.22
CA LEU A 292 1.10 3.24 12.25
C LEU A 292 0.81 1.89 12.88
N LEU A 293 0.04 1.85 13.97
CA LEU A 293 -0.15 0.59 14.68
C LEU A 293 -1.08 -0.37 13.93
N TRP A 294 -2.08 0.14 13.21
CA TRP A 294 -2.87 -0.73 12.34
C TRP A 294 -1.99 -1.34 11.25
N ARG A 295 -1.10 -0.54 10.68
CA ARG A 295 -0.11 -1.04 9.74
C ARG A 295 0.77 -2.11 10.38
N GLU A 296 1.32 -1.82 11.56
CA GLU A 296 2.18 -2.78 12.26
C GLU A 296 1.42 -4.06 12.60
N PHE A 297 0.13 -3.92 12.96
CA PHE A 297 -0.70 -5.06 13.34
C PHE A 297 -0.77 -6.09 12.21
N PHE A 298 -1.07 -5.64 10.99
CA PHE A 298 -1.17 -6.58 9.87
C PHE A 298 0.19 -7.12 9.44
N TYR A 299 1.26 -6.34 9.58
CA TYR A 299 2.59 -6.88 9.35
C TYR A 299 2.92 -7.99 10.33
N THR A 300 2.56 -7.80 11.61
CA THR A 300 2.82 -8.83 12.60
C THR A 300 2.03 -10.11 12.31
N ALA A 301 0.77 -9.96 11.88
CA ALA A 301 -0.05 -11.14 11.60
C ALA A 301 0.47 -11.91 10.39
N ALA A 302 1.10 -11.22 9.44
CA ALA A 302 1.51 -11.83 8.18
C ALA A 302 2.88 -12.52 8.24
N THR A 303 3.78 -12.09 9.14
CA THR A 303 5.19 -12.40 8.94
C THR A 303 5.49 -13.89 8.98
N ASN A 304 4.81 -14.66 9.84
CA ASN A 304 5.07 -16.09 9.95
C ASN A 304 4.01 -16.95 9.27
N ASN A 305 3.25 -16.38 8.34
CA ASN A 305 2.13 -17.08 7.69
C ASN A 305 2.34 -17.03 6.19
N PRO A 306 2.96 -18.05 5.59
CA PRO A 306 3.23 -18.02 4.14
C PRO A 306 1.97 -18.12 3.28
N ARG A 307 0.82 -18.48 3.85
CA ARG A 307 -0.44 -18.51 3.10
C ARG A 307 -1.39 -17.42 3.59
N PHE A 308 -0.84 -16.36 4.18
CA PHE A 308 -1.63 -15.23 4.67
C PHE A 308 -2.52 -14.65 3.58
N ASP A 309 -2.10 -14.72 2.31
CA ASP A 309 -2.84 -14.16 1.19
C ASP A 309 -3.76 -15.17 0.51
N LYS A 310 -4.04 -16.31 1.15
CA LYS A 310 -4.89 -17.34 0.59
C LYS A 310 -6.01 -17.67 1.58
N MET A 311 -7.04 -18.34 1.07
CA MET A 311 -8.08 -18.92 1.92
C MET A 311 -7.72 -20.35 2.33
N GLU A 312 -7.65 -21.26 1.37
CA GLU A 312 -7.32 -22.65 1.69
C GLU A 312 -5.89 -22.76 2.21
N GLY A 313 -5.73 -23.54 3.27
CA GLY A 313 -4.43 -23.71 3.89
C GLY A 313 -3.94 -22.51 4.67
N ASN A 314 -4.82 -21.55 4.96
CA ASN A 314 -4.47 -20.41 5.80
C ASN A 314 -5.06 -20.63 7.18
N PRO A 315 -4.22 -20.82 8.21
CA PRO A 315 -4.75 -21.24 9.52
C PRO A 315 -5.70 -20.24 10.16
N ILE A 316 -5.64 -18.96 9.79
CA ILE A 316 -6.45 -17.96 10.47
C ILE A 316 -7.70 -17.56 9.67
N CYS A 317 -7.95 -18.20 8.54
CA CYS A 317 -9.00 -17.75 7.64
C CYS A 317 -10.19 -18.70 7.68
N VAL A 318 -11.40 -18.14 7.79
CA VAL A 318 -12.61 -18.95 7.71
C VAL A 318 -12.79 -19.44 6.28
N GLN A 319 -13.19 -20.71 6.14
CA GLN A 319 -13.31 -21.34 4.82
C GLN A 319 -14.72 -21.13 4.29
N ILE A 320 -14.93 -19.95 3.72
CA ILE A 320 -16.24 -19.53 3.20
C ILE A 320 -16.39 -20.01 1.76
N PRO A 321 -17.50 -20.67 1.41
CA PRO A 321 -17.74 -21.10 0.00
C PRO A 321 -18.14 -19.95 -0.91
N TRP A 322 -17.13 -19.20 -1.36
CA TRP A 322 -17.35 -18.10 -2.29
C TRP A 322 -17.73 -18.62 -3.67
N ASP A 323 -18.46 -17.80 -4.43
CA ASP A 323 -18.79 -18.13 -5.81
C ASP A 323 -17.67 -17.72 -6.76
N LYS A 324 -17.53 -18.47 -7.85
CA LYS A 324 -16.64 -18.12 -8.94
C LYS A 324 -17.47 -17.53 -10.07
N ASN A 325 -17.13 -16.31 -10.49
CA ASN A 325 -17.90 -15.59 -11.50
C ASN A 325 -17.01 -14.57 -12.17
N PRO A 326 -16.23 -14.99 -13.17
CA PRO A 326 -15.25 -14.08 -13.79
C PRO A 326 -15.87 -12.85 -14.42
N GLU A 327 -17.08 -12.99 -14.98
CA GLU A 327 -17.70 -11.86 -15.67
C GLU A 327 -18.24 -10.82 -14.69
N ALA A 328 -18.83 -11.27 -13.58
CA ALA A 328 -19.22 -10.33 -12.54
C ALA A 328 -18.00 -9.67 -11.90
N LEU A 329 -16.94 -10.46 -11.67
CA LEU A 329 -15.71 -9.91 -11.11
C LEU A 329 -15.15 -8.81 -12.00
N ALA A 330 -15.15 -9.03 -13.31
CA ALA A 330 -14.60 -8.06 -14.25
C ALA A 330 -15.42 -6.78 -14.28
N LYS A 331 -16.76 -6.88 -14.22
CA LYS A 331 -17.56 -5.67 -14.14
C LYS A 331 -17.20 -4.85 -12.91
N TRP A 332 -16.96 -5.52 -11.78
CA TRP A 332 -16.51 -4.83 -10.57
C TRP A 332 -15.14 -4.20 -10.78
N ALA A 333 -14.17 -5.00 -11.25
CA ALA A 333 -12.80 -4.49 -11.40
C ALA A 333 -12.72 -3.36 -12.42
N GLU A 334 -13.56 -3.38 -13.45
CA GLU A 334 -13.51 -2.38 -14.51
C GLU A 334 -14.49 -1.23 -14.29
N GLY A 335 -15.14 -1.18 -13.12
CA GLY A 335 -16.04 -0.06 -12.84
C GLY A 335 -17.20 0.06 -13.80
N ARG A 336 -17.80 -1.07 -14.17
CA ARG A 336 -18.97 -1.07 -15.04
C ARG A 336 -20.11 -1.86 -14.41
N THR A 337 -20.26 -1.74 -13.08
CA THR A 337 -21.32 -2.44 -12.35
C THR A 337 -22.70 -1.85 -12.60
N GLY A 338 -22.78 -0.64 -13.17
CA GLY A 338 -24.05 0.04 -13.31
C GLY A 338 -24.53 0.76 -12.07
N PHE A 339 -23.79 0.67 -10.95
CA PHE A 339 -24.04 1.48 -9.76
C PHE A 339 -23.04 2.62 -9.74
N PRO A 340 -23.46 3.87 -9.95
CA PRO A 340 -22.49 4.97 -10.11
C PRO A 340 -21.55 5.14 -8.92
N TRP A 341 -22.03 4.99 -7.69
CA TRP A 341 -21.16 5.07 -6.52
C TRP A 341 -20.02 4.05 -6.61
N ILE A 342 -20.35 2.79 -6.93
CA ILE A 342 -19.33 1.76 -7.04
C ILE A 342 -18.39 2.04 -8.21
N ASP A 343 -18.95 2.36 -9.39
CA ASP A 343 -18.11 2.58 -10.57
C ASP A 343 -17.22 3.82 -10.38
N ALA A 344 -17.73 4.86 -9.73
CA ALA A 344 -16.91 6.05 -9.47
C ALA A 344 -15.70 5.69 -8.60
N ILE A 345 -15.92 4.93 -7.54
CA ILE A 345 -14.81 4.53 -6.66
C ILE A 345 -13.79 3.70 -7.42
N MET A 346 -14.27 2.69 -8.17
CA MET A 346 -13.35 1.83 -8.92
C MET A 346 -12.64 2.61 -10.02
N THR A 347 -13.28 3.66 -10.56
CA THR A 347 -12.61 4.50 -11.54
C THR A 347 -11.56 5.40 -10.90
N GLN A 348 -11.89 6.01 -9.76
CA GLN A 348 -10.88 6.78 -9.04
C GLN A 348 -9.67 5.90 -8.71
N LEU A 349 -9.94 4.67 -8.27
CA LEU A 349 -8.87 3.73 -7.94
C LEU A 349 -7.99 3.47 -9.14
N ARG A 350 -8.61 3.14 -10.29
CA ARG A 350 -7.85 2.85 -11.50
C ARG A 350 -7.09 4.08 -11.98
N GLN A 351 -7.70 5.26 -11.91
CA GLN A 351 -7.08 6.45 -12.48
C GLN A 351 -5.96 7.00 -11.61
N GLU A 352 -6.09 6.91 -10.29
CA GLU A 352 -5.22 7.64 -9.37
C GLU A 352 -4.43 6.76 -8.42
N GLY A 353 -4.93 5.58 -8.05
CA GLY A 353 -4.19 4.67 -7.21
C GLY A 353 -4.47 4.77 -5.72
N TRP A 354 -5.46 5.57 -5.33
CA TRP A 354 -5.83 5.68 -3.93
C TRP A 354 -7.31 5.98 -3.84
N ILE A 355 -7.98 5.39 -2.85
CA ILE A 355 -9.36 5.69 -2.52
C ILE A 355 -9.49 5.65 -1.01
N HIS A 356 -10.50 6.36 -0.50
CA HIS A 356 -10.71 6.49 0.93
C HIS A 356 -11.05 5.15 1.58
N HIS A 357 -10.74 5.05 2.88
CA HIS A 357 -10.96 3.82 3.64
C HIS A 357 -12.42 3.35 3.56
N LEU A 358 -13.38 4.26 3.77
CA LEU A 358 -14.79 3.85 3.70
C LEU A 358 -15.20 3.55 2.26
N ALA A 359 -14.57 4.20 1.29
CA ALA A 359 -14.79 3.82 -0.10
C ALA A 359 -14.31 2.40 -0.37
N ARG A 360 -13.19 2.01 0.27
CA ARG A 360 -12.70 0.64 0.18
C ARG A 360 -13.70 -0.34 0.77
N HIS A 361 -14.20 -0.04 1.98
CA HIS A 361 -15.27 -0.86 2.57
C HIS A 361 -16.42 -1.01 1.60
N ALA A 362 -16.84 0.08 0.96
CA ALA A 362 -18.01 0.05 0.10
C ALA A 362 -17.82 -0.92 -1.06
N VAL A 363 -16.72 -0.79 -1.81
CA VAL A 363 -16.55 -1.63 -2.99
C VAL A 363 -16.22 -3.07 -2.60
N ALA A 364 -15.52 -3.25 -1.47
CA ALA A 364 -15.17 -4.61 -1.04
C ALA A 364 -16.40 -5.35 -0.52
N CYS A 365 -17.30 -4.66 0.18
CA CYS A 365 -18.57 -5.26 0.59
C CYS A 365 -19.38 -5.68 -0.63
N PHE A 366 -19.43 -4.82 -1.65
CA PHE A 366 -20.16 -5.15 -2.87
C PHE A 366 -19.64 -6.45 -3.49
N LEU A 367 -18.31 -6.57 -3.63
CA LEU A 367 -17.74 -7.75 -4.27
C LEU A 367 -17.94 -9.01 -3.44
N THR A 368 -17.77 -8.92 -2.12
CA THR A 368 -17.71 -10.11 -1.29
C THR A 368 -19.02 -10.34 -0.54
N ARG A 369 -19.08 -9.96 0.74
CA ARG A 369 -20.18 -10.37 1.60
C ARG A 369 -21.50 -9.71 1.23
N GLY A 370 -21.48 -8.63 0.45
CA GLY A 370 -22.69 -7.88 0.16
C GLY A 370 -23.45 -8.29 -1.07
N ASP A 371 -22.85 -8.17 -2.27
CA ASP A 371 -23.64 -8.32 -3.50
C ASP A 371 -23.22 -9.48 -4.40
N LEU A 372 -21.93 -9.68 -4.65
CA LEU A 372 -21.52 -10.66 -5.65
C LEU A 372 -21.07 -11.99 -5.07
N TRP A 373 -20.78 -12.06 -3.77
CA TRP A 373 -20.32 -13.30 -3.13
C TRP A 373 -19.09 -13.89 -3.83
N ILE A 374 -18.19 -13.02 -4.27
CA ILE A 374 -16.91 -13.40 -4.86
C ILE A 374 -15.82 -13.31 -3.79
N SER A 375 -14.85 -14.22 -3.85
CA SER A 375 -13.83 -14.33 -2.81
C SER A 375 -13.06 -13.03 -2.62
N TRP A 376 -12.69 -12.78 -1.35
CA TRP A 376 -11.82 -11.65 -1.04
C TRP A 376 -10.47 -11.78 -1.74
N GLU A 377 -10.06 -13.01 -2.05
CA GLU A 377 -8.80 -13.22 -2.76
C GLU A 377 -8.80 -12.50 -4.10
N GLU A 378 -9.98 -12.40 -4.75
CA GLU A 378 -10.07 -11.77 -6.06
C GLU A 378 -10.08 -10.25 -5.96
N GLY A 379 -10.77 -9.69 -4.97
CA GLY A 379 -10.69 -8.26 -4.75
C GLY A 379 -9.29 -7.83 -4.32
N MET A 380 -8.64 -8.63 -3.49
CA MET A 380 -7.25 -8.41 -3.12
C MET A 380 -6.35 -8.28 -4.35
N LYS A 381 -6.49 -9.19 -5.32
CA LYS A 381 -5.65 -9.16 -6.51
C LYS A 381 -5.82 -7.86 -7.29
N VAL A 382 -7.07 -7.41 -7.46
CA VAL A 382 -7.33 -6.16 -8.17
C VAL A 382 -6.72 -4.98 -7.43
N PHE A 383 -6.95 -4.91 -6.11
CA PHE A 383 -6.34 -3.85 -5.32
C PHE A 383 -4.82 -3.90 -5.41
N GLU A 384 -4.24 -5.11 -5.45
CA GLU A 384 -2.79 -5.25 -5.60
C GLU A 384 -2.31 -4.56 -6.87
N GLU A 385 -3.08 -4.70 -7.95
CA GLU A 385 -2.73 -4.09 -9.23
C GLU A 385 -2.84 -2.58 -9.18
N LEU A 386 -3.87 -2.04 -8.51
CA LEU A 386 -4.21 -0.63 -8.65
C LEU A 386 -3.85 0.24 -7.46
N LEU A 387 -3.76 -0.31 -6.25
CA LEU A 387 -3.70 0.50 -5.04
C LEU A 387 -2.25 0.74 -4.62
N LEU A 388 -1.87 2.03 -4.60
CA LEU A 388 -0.47 2.37 -4.34
C LEU A 388 -0.03 1.98 -2.94
N ASP A 389 -0.94 1.99 -1.96
CA ASP A 389 -0.54 1.69 -0.58
C ASP A 389 -0.78 0.23 -0.21
N ALA A 390 -1.16 -0.60 -1.18
CA ALA A 390 -1.33 -2.02 -0.92
C ALA A 390 0.01 -2.73 -0.94
N ASP A 391 0.30 -3.47 0.12
CA ASP A 391 1.40 -4.42 0.10
C ASP A 391 0.85 -5.78 0.53
N TRP A 392 1.68 -6.81 0.38
CA TRP A 392 1.25 -8.19 0.63
C TRP A 392 0.53 -8.34 1.96
N SER A 393 1.11 -7.80 3.04
CA SER A 393 0.54 -7.97 4.37
C SER A 393 -0.71 -7.13 4.57
N ILE A 394 -0.66 -5.84 4.27
CA ILE A 394 -1.81 -4.97 4.49
C ILE A 394 -2.98 -5.37 3.60
N ASN A 395 -2.70 -5.66 2.33
CA ASN A 395 -3.77 -5.98 1.38
C ASN A 395 -4.49 -7.26 1.78
N ALA A 396 -3.74 -8.32 2.07
CA ALA A 396 -4.36 -9.58 2.48
C ALA A 396 -5.11 -9.40 3.80
N GLY A 397 -4.49 -8.74 4.77
CA GLY A 397 -5.12 -8.60 6.08
C GLY A 397 -6.44 -7.85 6.01
N SER A 398 -6.46 -6.76 5.25
CA SER A 398 -7.67 -5.94 5.17
C SER A 398 -8.79 -6.68 4.44
N TRP A 399 -8.44 -7.41 3.37
CA TRP A 399 -9.48 -8.13 2.63
C TRP A 399 -10.07 -9.27 3.46
N MET A 400 -9.25 -9.94 4.28
CA MET A 400 -9.81 -10.94 5.18
C MET A 400 -10.68 -10.28 6.24
N TRP A 401 -10.21 -9.16 6.80
CA TRP A 401 -10.96 -8.42 7.82
C TRP A 401 -12.38 -8.11 7.35
N LEU A 402 -12.51 -7.39 6.25
CA LEU A 402 -13.83 -6.90 5.83
C LEU A 402 -14.73 -8.00 5.30
N SER A 403 -14.20 -9.13 4.84
CA SER A 403 -15.02 -10.20 4.31
C SER A 403 -15.52 -11.15 5.38
N CYS A 404 -15.31 -10.80 6.66
CA CYS A 404 -15.61 -11.67 7.80
C CYS A 404 -14.86 -12.99 7.71
N SER A 405 -13.62 -12.94 7.23
CA SER A 405 -12.85 -14.16 7.03
C SER A 405 -11.80 -14.38 8.11
N SER A 406 -11.44 -13.37 8.89
CA SER A 406 -10.50 -13.53 9.99
C SER A 406 -10.64 -12.36 10.95
N PHE A 407 -9.79 -12.37 11.98
CA PHE A 407 -9.70 -11.29 12.98
C PHE A 407 -11.00 -11.11 13.75
N PHE A 408 -11.77 -12.19 13.88
CA PHE A 408 -12.99 -12.19 14.68
C PHE A 408 -13.99 -11.14 14.21
N GLN A 409 -14.01 -10.86 12.91
CA GLN A 409 -14.95 -9.90 12.34
C GLN A 409 -16.23 -10.61 11.92
N GLN A 410 -17.38 -10.04 12.29
CA GLN A 410 -18.66 -10.67 12.01
C GLN A 410 -19.66 -9.74 11.32
N PHE A 411 -20.48 -9.04 12.09
CA PHE A 411 -21.66 -8.40 11.51
C PHE A 411 -21.33 -6.96 11.09
N PHE A 412 -20.66 -6.85 9.96
CA PHE A 412 -20.48 -5.54 9.34
C PHE A 412 -21.81 -5.03 8.77
N HIS A 413 -21.94 -3.71 8.76
CA HIS A 413 -23.05 -3.08 8.06
C HIS A 413 -23.00 -3.48 6.60
N CYS A 414 -24.14 -3.86 6.03
CA CYS A 414 -24.18 -4.17 4.60
C CYS A 414 -24.37 -2.86 3.83
N TYR A 415 -23.31 -2.43 3.15
CA TYR A 415 -23.33 -1.14 2.46
C TYR A 415 -24.34 -1.16 1.32
N CYS A 416 -25.07 -0.07 1.16
CA CYS A 416 -25.99 0.08 0.05
C CYS A 416 -25.28 0.78 -1.11
N PRO A 417 -25.20 0.17 -2.29
CA PRO A 417 -24.47 0.81 -3.40
C PRO A 417 -25.15 2.05 -3.95
N VAL A 418 -26.36 2.36 -3.51
CA VAL A 418 -27.00 3.63 -3.82
C VAL A 418 -26.96 4.57 -2.63
N GLY A 419 -27.48 4.11 -1.48
CA GLY A 419 -27.69 5.00 -0.35
C GLY A 419 -26.42 5.54 0.27
N PHE A 420 -25.35 4.74 0.29
CA PHE A 420 -24.12 5.22 0.92
C PHE A 420 -23.56 6.43 0.18
N GLY A 421 -23.51 6.37 -1.15
CA GLY A 421 -23.03 7.51 -1.91
C GLY A 421 -23.92 8.73 -1.77
N ARG A 422 -25.24 8.49 -1.82
CA ARG A 422 -26.21 9.58 -1.69
C ARG A 422 -26.07 10.27 -0.34
N ARG A 423 -25.80 9.50 0.71
CA ARG A 423 -25.66 10.08 2.04
C ARG A 423 -24.31 10.76 2.21
N THR A 424 -23.28 10.29 1.51
CA THR A 424 -21.96 10.91 1.55
C THR A 424 -21.89 12.18 0.70
N ASP A 425 -22.47 12.13 -0.50
CA ASP A 425 -22.38 13.25 -1.45
C ASP A 425 -23.72 13.41 -2.14
N PRO A 426 -24.67 14.10 -1.49
CA PRO A 426 -26.03 14.17 -2.02
C PRO A 426 -26.13 14.77 -3.42
N ASN A 427 -25.34 15.80 -3.72
CA ASN A 427 -25.40 16.43 -5.04
C ASN A 427 -24.72 15.59 -6.11
N GLY A 428 -23.85 14.65 -5.74
CA GLY A 428 -23.24 13.78 -6.73
C GLY A 428 -22.02 14.34 -7.41
N ASP A 429 -21.36 15.34 -6.82
CA ASP A 429 -20.14 15.88 -7.42
C ASP A 429 -19.10 14.79 -7.65
N TYR A 430 -18.94 13.90 -6.67
CA TYR A 430 -17.97 12.82 -6.79
C TYR A 430 -18.27 11.96 -8.01
N ILE A 431 -19.55 11.64 -8.23
CA ILE A 431 -19.94 10.88 -9.43
C ILE A 431 -19.57 11.64 -10.69
N ARG A 432 -19.92 12.92 -10.76
CA ARG A 432 -19.69 13.68 -11.98
C ARG A 432 -18.21 13.88 -12.27
N ARG A 433 -17.37 13.85 -11.23
CA ARG A 433 -15.93 13.99 -11.43
C ARG A 433 -15.34 12.77 -12.13
N TYR A 434 -15.73 11.56 -11.72
CA TYR A 434 -15.12 10.35 -12.26
C TYR A 434 -15.94 9.63 -13.33
N LEU A 435 -17.24 9.93 -13.46
CA LEU A 435 -18.10 9.30 -14.47
C LEU A 435 -18.68 10.38 -15.38
N PRO A 436 -17.89 10.89 -16.34
CA PRO A 436 -18.37 11.99 -17.20
C PRO A 436 -19.70 11.73 -17.88
N VAL A 437 -19.98 10.49 -18.28
CA VAL A 437 -21.19 10.20 -19.06
C VAL A 437 -22.46 10.49 -18.28
N LEU A 438 -22.37 10.59 -16.95
CA LEU A 438 -23.52 10.81 -16.09
C LEU A 438 -23.69 12.27 -15.68
N ARG A 439 -22.85 13.17 -16.20
CA ARG A 439 -22.87 14.55 -15.71
C ARG A 439 -24.20 15.23 -15.97
N GLY A 440 -24.93 14.79 -17.01
CA GLY A 440 -26.22 15.40 -17.29
C GLY A 440 -27.33 15.02 -16.34
N PHE A 441 -27.11 14.03 -15.48
CA PHE A 441 -28.21 13.58 -14.62
C PHE A 441 -28.35 14.51 -13.41
N PRO A 442 -29.58 14.84 -13.02
CA PRO A 442 -29.79 15.58 -11.77
C PRO A 442 -29.49 14.72 -10.57
N ALA A 443 -29.37 15.38 -9.40
CA ALA A 443 -29.05 14.69 -8.17
C ALA A 443 -30.10 13.65 -7.79
N LYS A 444 -31.36 13.89 -8.13
CA LYS A 444 -32.42 12.94 -7.81
C LYS A 444 -32.13 11.56 -8.37
N TYR A 445 -31.46 11.49 -9.53
CA TYR A 445 -31.20 10.21 -10.20
C TYR A 445 -29.72 9.84 -10.35
N ILE A 446 -28.80 10.67 -9.87
CA ILE A 446 -27.38 10.45 -10.16
C ILE A 446 -26.87 9.14 -9.57
N TYR A 447 -27.42 8.70 -8.43
CA TYR A 447 -26.96 7.45 -7.82
C TYR A 447 -27.77 6.24 -8.26
N ASP A 448 -28.90 6.45 -8.92
CA ASP A 448 -29.74 5.35 -9.41
C ASP A 448 -30.30 5.75 -10.76
N PRO A 449 -29.44 5.92 -11.78
CA PRO A 449 -29.90 6.49 -13.06
C PRO A 449 -30.90 5.61 -13.80
N TRP A 450 -30.99 4.32 -13.48
CA TRP A 450 -32.00 3.48 -14.12
C TRP A 450 -33.41 3.91 -13.76
N ASN A 451 -33.57 4.67 -12.68
CA ASN A 451 -34.86 5.18 -12.26
C ASN A 451 -35.23 6.50 -12.93
N ALA A 452 -34.32 7.09 -13.68
CA ALA A 452 -34.64 8.34 -14.34
C ALA A 452 -35.63 8.09 -15.47
N PRO A 453 -36.65 8.95 -15.61
CA PRO A 453 -37.55 8.84 -16.78
C PRO A 453 -36.78 8.93 -18.08
N GLU A 454 -37.38 8.35 -19.13
CA GLU A 454 -36.73 8.32 -20.45
C GLU A 454 -36.34 9.72 -20.92
N GLY A 455 -37.23 10.70 -20.74
CA GLY A 455 -36.91 12.06 -21.15
C GLY A 455 -35.68 12.61 -20.44
N ILE A 456 -35.50 12.26 -19.17
CA ILE A 456 -34.32 12.71 -18.43
C ILE A 456 -33.05 12.09 -19.00
N GLN A 457 -33.09 10.79 -19.31
CA GLN A 457 -31.93 10.12 -19.89
C GLN A 457 -31.58 10.72 -21.25
N LYS A 458 -32.59 11.02 -22.08
CA LYS A 458 -32.33 11.54 -23.41
C LYS A 458 -31.71 12.93 -23.35
N VAL A 459 -32.22 13.80 -22.48
CA VAL A 459 -31.62 15.11 -22.29
C VAL A 459 -30.19 14.97 -21.76
N ALA A 460 -29.97 14.01 -20.86
CA ALA A 460 -28.63 13.76 -20.35
C ALA A 460 -27.71 13.13 -21.39
N LYS A 461 -28.24 12.77 -22.56
CA LYS A 461 -27.49 12.06 -23.61
C LYS A 461 -26.84 10.79 -23.06
N CYS A 462 -27.55 10.13 -22.16
CA CYS A 462 -27.03 8.91 -21.52
C CYS A 462 -28.20 7.94 -21.33
N LEU A 463 -28.30 6.97 -22.23
CA LEU A 463 -29.36 5.97 -22.16
C LEU A 463 -28.83 4.77 -21.37
N ILE A 464 -29.53 4.42 -20.29
CA ILE A 464 -29.09 3.31 -19.44
C ILE A 464 -29.20 2.00 -20.20
N GLY A 465 -28.10 1.24 -20.23
CA GLY A 465 -27.98 0.07 -21.08
C GLY A 465 -27.22 0.32 -22.37
N VAL A 466 -27.02 1.59 -22.75
CA VAL A 466 -26.27 1.95 -23.95
C VAL A 466 -25.02 2.73 -23.56
N ASN A 467 -25.21 3.96 -23.06
CA ASN A 467 -24.09 4.82 -22.73
C ASN A 467 -23.55 4.57 -21.31
N TYR A 468 -24.31 3.85 -20.48
CA TYR A 468 -23.90 3.53 -19.13
C TYR A 468 -24.61 2.22 -18.78
N PRO A 469 -23.95 1.31 -18.07
CA PRO A 469 -24.52 -0.02 -17.89
C PRO A 469 -25.75 -0.02 -16.98
N LYS A 470 -26.63 -1.00 -17.21
CA LYS A 470 -27.66 -1.32 -16.24
C LYS A 470 -27.01 -1.84 -14.96
N PRO A 471 -27.67 -1.70 -13.82
CA PRO A 471 -27.12 -2.28 -12.58
C PRO A 471 -26.98 -3.78 -12.71
N MET A 472 -25.81 -4.31 -12.33
CA MET A 472 -25.55 -5.72 -12.63
C MET A 472 -26.32 -6.67 -11.72
N VAL A 473 -26.78 -6.20 -10.55
CA VAL A 473 -27.58 -7.04 -9.67
C VAL A 473 -28.74 -6.21 -9.14
N ASN A 474 -29.74 -6.91 -8.62
CA ASN A 474 -30.77 -6.30 -7.78
C ASN A 474 -30.20 -6.30 -6.37
N HIS A 475 -29.78 -5.13 -5.88
CA HIS A 475 -29.07 -5.10 -4.61
C HIS A 475 -29.95 -5.61 -3.47
N ALA A 476 -31.25 -5.29 -3.51
CA ALA A 476 -32.14 -5.68 -2.42
C ALA A 476 -32.21 -7.20 -2.30
N GLU A 477 -32.39 -7.90 -3.43
CA GLU A 477 -32.47 -9.35 -3.39
C GLU A 477 -31.10 -9.97 -3.12
N ALA A 478 -30.05 -9.47 -3.78
CA ALA A 478 -28.73 -10.07 -3.62
C ALA A 478 -28.22 -9.93 -2.20
N SER A 479 -28.37 -8.74 -1.61
CA SER A 479 -27.89 -8.54 -0.25
C SER A 479 -28.72 -9.32 0.76
N ARG A 480 -30.02 -9.48 0.52
CA ARG A 480 -30.83 -10.31 1.41
C ARG A 480 -30.31 -11.75 1.43
N LEU A 481 -30.06 -12.32 0.25
CA LEU A 481 -29.56 -13.68 0.21
C LEU A 481 -28.17 -13.79 0.84
N ASN A 482 -27.28 -12.83 0.57
CA ASN A 482 -25.91 -12.94 1.08
C ASN A 482 -25.85 -12.66 2.58
N ILE A 483 -26.68 -11.73 3.08
CA ILE A 483 -26.75 -11.56 4.53
C ILE A 483 -27.14 -12.87 5.20
N GLU A 484 -28.10 -13.58 4.61
CA GLU A 484 -28.53 -14.88 5.11
C GLU A 484 -27.42 -15.91 5.03
N ARG A 485 -26.71 -15.97 3.90
CA ARG A 485 -25.60 -16.93 3.79
C ARG A 485 -24.55 -16.71 4.86
N MET A 486 -24.17 -15.45 5.09
CA MET A 486 -23.17 -15.16 6.11
C MET A 486 -23.70 -15.46 7.51
N LYS A 487 -24.98 -15.18 7.76
CA LYS A 487 -25.58 -15.54 9.04
C LYS A 487 -25.49 -17.05 9.27
N GLN A 488 -25.78 -17.84 8.25
CA GLN A 488 -25.74 -19.30 8.39
C GLN A 488 -24.33 -19.78 8.66
N ILE A 489 -23.33 -19.16 8.02
CA ILE A 489 -21.94 -19.56 8.23
C ILE A 489 -21.54 -19.35 9.69
N TYR A 490 -21.83 -18.17 10.22
CA TYR A 490 -21.46 -17.88 11.60
C TYR A 490 -22.35 -18.59 12.62
N GLN A 491 -23.54 -19.04 12.22
CA GLN A 491 -24.31 -19.93 13.09
C GLN A 491 -23.60 -21.27 13.29
N GLN A 492 -22.86 -21.73 12.28
CA GLN A 492 -22.08 -22.96 12.37
C GLN A 492 -20.60 -22.68 12.09
N LEU A 493 -20.04 -21.66 12.75
CA LEU A 493 -18.70 -21.18 12.39
C LEU A 493 -17.65 -22.28 12.43
N SER A 494 -17.70 -23.15 13.45
CA SER A 494 -16.69 -24.20 13.56
C SER A 494 -16.74 -25.18 12.41
N ARG A 495 -17.87 -25.27 11.71
CA ARG A 495 -17.96 -26.11 10.51
C ARG A 495 -17.08 -25.58 9.38
N TYR A 496 -16.61 -24.33 9.48
CA TYR A 496 -15.88 -23.68 8.40
C TYR A 496 -14.43 -23.38 8.77
N ARG A 497 -13.93 -23.98 9.86
CA ARG A 497 -12.55 -23.78 10.30
C ARG A 497 -11.59 -24.60 9.44
O1 PG4 B . -9.27 -1.87 6.08
C1 PG4 B . -9.79 -2.71 7.07
C2 PG4 B . -8.69 -2.97 8.09
O2 PG4 B . -8.88 -2.15 9.20
C3 PG4 B . -8.28 -0.89 9.13
C4 PG4 B . -8.95 0.03 10.15
O3 PG4 B . -8.07 1.05 10.55
C5 PG4 B . -7.60 1.85 9.49
C6 PG4 B . -8.49 3.08 9.34
O4 PG4 B . -8.26 3.66 8.08
C7 PG4 B . -6.93 3.97 7.79
C8 PG4 B . -6.83 4.39 6.32
O5 PG4 B . -6.20 3.37 5.58
C1 PEG C . -35.29 -3.11 -8.40
O1 PEG C . -35.34 -3.65 -9.68
C2 PEG C . -34.09 -2.16 -8.31
O2 PEG C . -32.93 -2.83 -8.70
C3 PEG C . -31.91 -1.93 -9.05
C4 PEG C . -30.55 -2.47 -8.61
O4 PEG C . -30.54 -2.68 -7.23
#